data_3A3U
#
_entry.id   3A3U
#
_cell.length_a   60.196
_cell.length_b   60.196
_cell.length_c   170.934
_cell.angle_alpha   90.00
_cell.angle_beta   90.00
_cell.angle_gamma   90.00
#
_symmetry.space_group_name_H-M   'P 43 21 2'
#
loop_
_entity.id
_entity.type
_entity.pdbx_description
1 polymer 'Menaquinone biosynthetic enzyme'
2 non-polymer 'POTASSIUM ION'
3 non-polymer 'L(+)-TARTARIC ACID'
4 non-polymer 2-(2-(2-(2-(2-(2-ETHOXYETHOXY)ETHOXY)ETHOXY)ETHOXY)ETHOXY)ETHANOL
5 water water
#
_entity_poly.entity_id   1
_entity_poly.type   'polypeptide(L)'
_entity_poly.pdbx_seq_one_letter_code
;MEALRLGFSPCPNDTFIFYALVHGRVESPVPLEPVLEDVETLNRWALEGRLPLTKLSYAAYAQVRDRYVALRSGGALGRG
VGPLVVARGPLQALEGLRVAVPGRHTTAYFLLSLYAQGFVPVEVRYDRILPMVAQGEVEAGLIIHESRFTYPRYGLVQVV
DLGAWWEERTGLPLPLGAILARRDLGEGLIRALDEAVRRSVAYALAHPEEALDYMRAHAQELSDEVIWAHVHTYVNAFSL
DVGEEGERAVARLFAEAEARGLAAPSPRPLFV
;
_entity_poly.pdbx_strand_id   A
#
# COMPACT_ATOMS: atom_id res chain seq x y z
N ALA A 3 -8.39 -8.78 21.00
CA ALA A 3 -9.10 -10.05 20.63
C ALA A 3 -9.05 -10.27 19.12
N LEU A 4 -9.15 -9.19 18.34
CA LEU A 4 -9.09 -9.32 16.88
C LEU A 4 -7.69 -8.96 16.38
N ARG A 5 -7.07 -9.85 15.62
CA ARG A 5 -5.73 -9.58 15.08
C ARG A 5 -5.87 -8.58 13.94
N LEU A 6 -5.02 -7.56 13.96
CA LEU A 6 -5.03 -6.51 12.96
C LEU A 6 -3.67 -6.44 12.26
N GLY A 7 -3.62 -6.81 11.00
CA GLY A 7 -2.36 -6.77 10.27
C GLY A 7 -2.08 -5.49 9.50
N PHE A 8 -0.84 -5.02 9.62
CA PHE A 8 -0.40 -3.85 8.86
C PHE A 8 1.13 -3.84 8.84
N SER A 9 1.73 -2.97 8.04
CA SER A 9 3.19 -2.97 7.97
C SER A 9 3.86 -2.01 8.93
N PRO A 10 5.14 -2.23 9.22
CA PRO A 10 5.86 -1.35 10.13
C PRO A 10 6.31 -0.04 9.47
N CYS A 11 5.74 0.31 8.32
CA CYS A 11 6.12 1.54 7.65
C CYS A 11 5.45 2.69 8.37
N PRO A 12 6.08 3.88 8.38
CA PRO A 12 5.49 5.04 9.05
C PRO A 12 4.06 5.38 8.69
N ASN A 13 3.63 5.14 7.45
CA ASN A 13 2.25 5.49 7.16
C ASN A 13 1.23 4.60 7.89
N ASP A 14 1.50 3.30 7.99
CA ASP A 14 0.58 2.40 8.68
C ASP A 14 0.65 2.61 10.18
N THR A 15 1.85 2.75 10.74
CA THR A 15 1.93 2.98 12.20
C THR A 15 1.33 4.32 12.58
N PHE A 16 1.44 5.32 11.69
CA PHE A 16 0.82 6.60 11.94
C PHE A 16 -0.72 6.44 11.97
N ILE A 17 -1.25 5.76 10.97
CA ILE A 17 -2.68 5.55 10.86
C ILE A 17 -3.31 4.75 11.98
N PHE A 18 -2.60 3.74 12.47
CA PHE A 18 -3.19 2.88 13.49
C PHE A 18 -2.74 3.20 14.90
N TYR A 19 -1.82 4.16 15.04
CA TYR A 19 -1.31 4.54 16.34
C TYR A 19 -2.38 4.74 17.40
N ALA A 20 -3.39 5.54 17.09
CA ALA A 20 -4.43 5.86 18.08
C ALA A 20 -5.28 4.66 18.46
N LEU A 21 -5.64 3.86 17.47
CA LEU A 21 -6.43 2.67 17.70
C LEU A 21 -5.66 1.65 18.55
N VAL A 22 -4.37 1.48 18.27
CA VAL A 22 -3.54 0.52 18.98
C VAL A 22 -3.25 0.93 20.43
N HIS A 23 -3.22 2.23 20.69
CA HIS A 23 -2.90 2.71 22.03
C HIS A 23 -4.09 3.27 22.80
N GLY A 24 -5.29 2.88 22.38
CA GLY A 24 -6.51 3.31 23.04
C GLY A 24 -6.81 4.80 23.06
N ARG A 25 -6.31 5.54 22.08
CA ARG A 25 -6.55 6.98 22.02
C ARG A 25 -7.88 7.31 21.36
N VAL A 26 -8.45 6.33 20.68
CA VAL A 26 -9.77 6.50 20.06
C VAL A 26 -10.54 5.22 20.38
N GLU A 27 -11.87 5.30 20.37
CA GLU A 27 -12.69 4.15 20.69
C GLU A 27 -12.67 3.10 19.58
N SER A 28 -12.71 1.84 19.99
CA SER A 28 -12.72 0.74 19.05
C SER A 28 -13.85 -0.18 19.50
N PRO A 29 -14.59 -0.78 18.56
CA PRO A 29 -15.69 -1.67 18.95
C PRO A 29 -15.26 -2.96 19.62
N VAL A 30 -14.00 -3.33 19.44
CA VAL A 30 -13.45 -4.52 20.01
C VAL A 30 -11.95 -4.32 20.21
N PRO A 31 -11.34 -5.10 21.10
CA PRO A 31 -9.91 -4.95 21.33
C PRO A 31 -9.16 -5.42 20.08
N LEU A 32 -7.94 -4.92 19.89
CA LEU A 32 -7.18 -5.30 18.71
C LEU A 32 -5.79 -5.77 19.08
N GLU A 33 -5.26 -6.68 18.28
CA GLU A 33 -3.92 -7.23 18.49
C GLU A 33 -3.16 -7.01 17.19
N PRO A 34 -2.29 -5.99 17.15
CA PRO A 34 -1.55 -5.76 15.92
C PRO A 34 -0.49 -6.81 15.60
N VAL A 35 -0.37 -7.11 14.32
CA VAL A 35 0.61 -8.05 13.81
C VAL A 35 1.27 -7.25 12.67
N LEU A 36 2.53 -6.88 12.86
CA LEU A 36 3.25 -6.07 11.86
C LEU A 36 4.07 -6.95 10.92
N GLU A 37 3.73 -6.88 9.63
CA GLU A 37 4.39 -7.69 8.61
C GLU A 37 4.63 -6.89 7.33
N ASP A 38 5.51 -7.41 6.49
CA ASP A 38 5.80 -6.83 5.17
C ASP A 38 4.45 -6.92 4.42
N VAL A 39 4.17 -5.99 3.53
CA VAL A 39 2.90 -6.05 2.83
C VAL A 39 2.73 -7.32 1.99
N GLU A 40 3.80 -7.82 1.37
CA GLU A 40 3.61 -9.02 0.55
C GLU A 40 3.25 -10.22 1.44
N THR A 41 3.72 -10.21 2.69
CA THR A 41 3.35 -11.26 3.61
C THR A 41 1.86 -11.16 3.89
N LEU A 42 1.36 -9.95 4.13
CA LEU A 42 -0.05 -9.79 4.38
C LEU A 42 -0.85 -10.18 3.14
N ASN A 43 -0.33 -9.88 1.94
CA ASN A 43 -1.02 -10.22 0.72
C ASN A 43 -1.19 -11.74 0.64
N ARG A 44 -0.12 -12.47 0.94
CA ARG A 44 -0.20 -13.93 0.88
C ARG A 44 -1.18 -14.47 1.91
N TRP A 45 -1.12 -13.93 3.13
CA TRP A 45 -2.03 -14.37 4.20
C TRP A 45 -3.50 -14.17 3.85
N ALA A 46 -3.81 -13.07 3.17
CA ALA A 46 -5.19 -12.76 2.80
C ALA A 46 -5.75 -13.83 1.87
N LEU A 47 -4.87 -14.49 1.13
CA LEU A 47 -5.29 -15.54 0.19
C LEU A 47 -5.90 -16.69 0.97
N GLU A 48 -5.51 -16.84 2.22
CA GLU A 48 -6.01 -17.91 3.07
C GLU A 48 -7.03 -17.35 4.06
N GLY A 49 -7.30 -16.05 3.96
CA GLY A 49 -8.25 -15.45 4.88
C GLY A 49 -7.78 -15.55 6.31
N ARG A 50 -6.46 -15.47 6.52
CA ARG A 50 -5.92 -15.60 7.87
C ARG A 50 -6.32 -14.56 8.93
N LEU A 51 -6.20 -13.28 8.62
CA LEU A 51 -6.54 -12.25 9.59
C LEU A 51 -7.95 -11.68 9.39
N PRO A 52 -8.63 -11.30 10.49
CA PRO A 52 -9.97 -10.73 10.33
C PRO A 52 -9.92 -9.26 9.91
N LEU A 53 -8.77 -8.63 10.12
CA LEU A 53 -8.62 -7.21 9.76
C LEU A 53 -7.19 -7.05 9.24
N THR A 54 -7.05 -6.53 8.03
CA THR A 54 -5.71 -6.39 7.47
C THR A 54 -5.53 -5.34 6.39
N LYS A 55 -4.37 -4.67 6.44
CA LYS A 55 -4.01 -3.75 5.36
C LYS A 55 -3.65 -4.71 4.22
N LEU A 56 -3.97 -4.34 2.99
CA LEU A 56 -3.68 -5.21 1.86
C LEU A 56 -3.46 -4.39 0.59
N SER A 57 -2.65 -4.90 -0.33
CA SER A 57 -2.45 -4.16 -1.58
C SER A 57 -3.80 -4.18 -2.27
N TYR A 58 -4.18 -3.08 -2.93
CA TYR A 58 -5.45 -3.07 -3.64
C TYR A 58 -5.46 -4.13 -4.74
N ALA A 59 -4.35 -4.33 -5.44
CA ALA A 59 -4.36 -5.37 -6.48
C ALA A 59 -4.69 -6.72 -5.86
N ALA A 60 -4.23 -6.97 -4.64
CA ALA A 60 -4.49 -8.24 -3.96
C ALA A 60 -5.95 -8.31 -3.49
N TYR A 61 -6.55 -7.18 -3.12
CA TYR A 61 -7.95 -7.21 -2.69
C TYR A 61 -8.83 -7.76 -3.82
N ALA A 62 -8.50 -7.41 -5.06
CA ALA A 62 -9.25 -7.90 -6.20
C ALA A 62 -9.27 -9.44 -6.27
N GLN A 63 -8.40 -10.10 -5.51
CA GLN A 63 -8.33 -11.57 -5.51
C GLN A 63 -9.08 -12.23 -4.36
N VAL A 64 -9.55 -11.43 -3.41
CA VAL A 64 -10.22 -11.97 -2.24
C VAL A 64 -11.53 -11.28 -1.86
N ARG A 65 -12.25 -10.77 -2.86
CA ARG A 65 -13.50 -10.06 -2.62
C ARG A 65 -14.64 -10.87 -2.03
N ASP A 66 -14.53 -12.19 -2.11
CA ASP A 66 -15.57 -13.04 -1.55
C ASP A 66 -15.30 -13.31 -0.09
N ARG A 67 -14.08 -13.01 0.36
CA ARG A 67 -13.72 -13.22 1.74
C ARG A 67 -13.57 -11.93 2.53
N TYR A 68 -13.25 -10.85 1.82
CA TYR A 68 -13.02 -9.54 2.45
C TYR A 68 -13.79 -8.39 1.80
N VAL A 69 -14.02 -7.32 2.57
CA VAL A 69 -14.65 -6.12 2.06
C VAL A 69 -13.72 -4.98 2.52
N ALA A 70 -13.63 -3.94 1.70
CA ALA A 70 -12.75 -2.82 2.05
C ALA A 70 -13.42 -1.73 2.88
N LEU A 71 -12.74 -1.31 3.94
CA LEU A 71 -13.22 -0.19 4.73
C LEU A 71 -13.04 1.05 3.85
N ARG A 72 -13.81 2.10 4.08
CA ARG A 72 -13.68 3.30 3.26
C ARG A 72 -12.48 4.12 3.78
N SER A 73 -12.10 3.85 5.02
CA SER A 73 -10.99 4.57 5.65
C SER A 73 -9.70 3.78 5.81
N GLY A 74 -8.61 4.51 6.09
CA GLY A 74 -7.30 3.93 6.36
C GLY A 74 -6.42 3.51 5.21
N GLY A 75 -6.91 3.69 3.99
CA GLY A 75 -6.15 3.25 2.82
C GLY A 75 -5.10 4.22 2.34
N ALA A 76 -4.38 3.80 1.30
CA ALA A 76 -3.32 4.61 0.68
C ALA A 76 -3.68 4.71 -0.78
N LEU A 77 -4.08 5.91 -1.18
CA LEU A 77 -4.42 6.22 -2.57
C LEU A 77 -3.96 7.66 -2.81
N GLY A 78 -3.75 8.04 -4.06
CA GLY A 78 -3.37 9.44 -4.26
C GLY A 78 -2.71 9.67 -5.58
N ARG A 79 -2.25 10.90 -5.82
CA ARG A 79 -1.59 11.19 -7.09
C ARG A 79 -0.06 11.18 -7.07
N GLY A 80 0.52 11.53 -5.92
CA GLY A 80 1.96 11.54 -5.81
C GLY A 80 2.49 10.49 -4.84
N VAL A 81 1.91 9.30 -4.89
CA VAL A 81 2.29 8.21 -4.02
C VAL A 81 2.67 7.00 -4.86
N GLY A 82 2.75 7.18 -6.17
CA GLY A 82 3.01 6.06 -7.03
C GLY A 82 4.36 5.40 -6.90
N PRO A 83 4.41 4.10 -7.10
CA PRO A 83 5.69 3.41 -6.99
C PRO A 83 6.57 3.91 -8.13
N LEU A 84 7.90 3.92 -7.93
CA LEU A 84 8.78 4.36 -9.00
C LEU A 84 9.60 3.19 -9.53
N VAL A 85 10.08 3.33 -10.75
CA VAL A 85 11.05 2.34 -11.25
C VAL A 85 12.34 3.18 -11.33
N VAL A 86 13.43 2.68 -10.75
CA VAL A 86 14.69 3.40 -10.75
C VAL A 86 15.79 2.54 -11.33
N ALA A 87 16.86 3.19 -11.77
CA ALA A 87 17.98 2.48 -12.39
C ALA A 87 19.26 3.30 -12.12
N ARG A 88 20.41 2.74 -12.47
CA ARG A 88 21.69 3.45 -12.28
C ARG A 88 21.86 4.60 -13.26
N GLY A 89 21.11 4.54 -14.35
CA GLY A 89 21.18 5.57 -15.36
C GLY A 89 20.00 5.40 -16.27
N PRO A 90 19.76 6.30 -17.23
CA PRO A 90 18.61 6.15 -18.11
C PRO A 90 18.59 4.85 -18.90
N LEU A 91 17.38 4.36 -19.13
CA LEU A 91 17.14 3.13 -19.88
C LEU A 91 16.14 3.45 -21.00
N GLN A 92 16.39 2.89 -22.18
CA GLN A 92 15.51 3.11 -23.31
C GLN A 92 14.18 2.37 -23.08
N ALA A 93 14.27 1.23 -22.42
CA ALA A 93 13.10 0.39 -22.18
C ALA A 93 13.46 -0.70 -21.19
N LEU A 94 12.46 -1.36 -20.62
CA LEU A 94 12.73 -2.41 -19.67
C LEU A 94 12.77 -3.81 -20.31
N GLU A 95 12.51 -3.86 -21.61
CA GLU A 95 12.51 -5.12 -22.36
C GLU A 95 13.79 -5.91 -22.12
N GLY A 96 13.63 -7.15 -21.66
CA GLY A 96 14.76 -8.03 -21.42
C GLY A 96 15.63 -7.80 -20.21
N LEU A 97 15.32 -6.77 -19.42
CA LEU A 97 16.12 -6.44 -18.27
C LEU A 97 15.56 -7.05 -16.98
N ARG A 98 16.44 -7.29 -16.02
CA ARG A 98 16.03 -7.82 -14.73
C ARG A 98 15.58 -6.63 -13.89
N VAL A 99 14.41 -6.76 -13.27
CA VAL A 99 13.86 -5.70 -12.41
C VAL A 99 13.53 -6.30 -11.04
N ALA A 100 14.17 -5.79 -9.98
CA ALA A 100 13.85 -6.27 -8.63
C ALA A 100 12.49 -5.71 -8.25
N VAL A 101 11.60 -6.55 -7.72
CA VAL A 101 10.24 -6.12 -7.36
C VAL A 101 9.92 -6.55 -5.94
N PRO A 102 9.08 -5.79 -5.24
CA PRO A 102 8.70 -6.06 -3.85
C PRO A 102 7.61 -7.08 -3.52
N GLY A 103 7.11 -7.77 -4.52
CA GLY A 103 6.04 -8.72 -4.24
C GLY A 103 5.11 -8.80 -5.43
N ARG A 104 4.93 -10.01 -5.96
CA ARG A 104 4.09 -10.20 -7.13
C ARG A 104 2.62 -9.82 -6.99
N HIS A 105 2.13 -9.72 -5.75
CA HIS A 105 0.72 -9.40 -5.50
C HIS A 105 0.50 -7.94 -5.18
N THR A 106 1.57 -7.16 -5.15
CA THR A 106 1.42 -5.73 -4.83
C THR A 106 0.81 -4.94 -5.99
N THR A 107 0.21 -3.81 -5.67
CA THR A 107 -0.34 -2.95 -6.69
C THR A 107 0.86 -2.43 -7.52
N ALA A 108 1.99 -2.22 -6.87
CA ALA A 108 3.19 -1.76 -7.59
C ALA A 108 3.52 -2.73 -8.71
N TYR A 109 3.53 -4.02 -8.41
CA TYR A 109 3.84 -5.02 -9.42
C TYR A 109 2.78 -5.01 -10.53
N PHE A 110 1.51 -4.92 -10.14
CA PHE A 110 0.47 -4.85 -11.15
C PHE A 110 0.66 -3.66 -12.06
N LEU A 111 0.96 -2.49 -11.49
CA LEU A 111 1.16 -1.32 -12.34
C LEU A 111 2.38 -1.48 -13.24
N LEU A 112 3.48 -2.05 -12.74
CA LEU A 112 4.66 -2.23 -13.57
C LEU A 112 4.28 -3.14 -14.75
N SER A 113 3.43 -4.14 -14.49
CA SER A 113 3.00 -5.07 -15.54
C SER A 113 2.10 -4.42 -16.60
N LEU A 114 1.39 -3.34 -16.22
CA LEU A 114 0.55 -2.60 -17.18
C LEU A 114 1.46 -1.70 -18.04
N TYR A 115 2.53 -1.22 -17.40
CA TYR A 115 3.46 -0.31 -18.02
C TYR A 115 4.42 -0.93 -19.03
N ALA A 116 4.94 -2.11 -18.71
CA ALA A 116 5.91 -2.82 -19.55
C ALA A 116 5.69 -4.33 -19.50
N GLN A 117 5.97 -5.05 -20.59
CA GLN A 117 5.77 -6.50 -20.55
C GLN A 117 6.96 -7.41 -20.86
N GLY A 118 8.12 -6.86 -21.16
CA GLY A 118 9.21 -7.75 -21.47
C GLY A 118 10.31 -7.89 -20.44
N PHE A 119 10.03 -7.52 -19.19
CA PHE A 119 11.05 -7.60 -18.16
C PHE A 119 11.04 -8.91 -17.41
N VAL A 120 12.14 -9.15 -16.69
CA VAL A 120 12.31 -10.36 -15.87
C VAL A 120 12.24 -9.93 -14.41
N PRO A 121 11.15 -10.29 -13.72
CA PRO A 121 11.02 -9.93 -12.31
C PRO A 121 11.89 -10.74 -11.35
N VAL A 122 12.46 -10.05 -10.35
CA VAL A 122 13.24 -10.71 -9.29
C VAL A 122 12.56 -10.25 -8.01
N GLU A 123 11.82 -11.15 -7.37
CA GLU A 123 11.05 -10.82 -6.19
C GLU A 123 11.83 -10.87 -4.86
N VAL A 124 11.88 -9.73 -4.18
CA VAL A 124 12.64 -9.60 -2.93
C VAL A 124 11.94 -8.64 -1.95
N ARG A 125 12.43 -8.57 -0.70
CA ARG A 125 11.88 -7.64 0.28
C ARG A 125 12.16 -6.26 -0.28
N TYR A 126 11.25 -5.32 -0.05
CA TYR A 126 11.43 -3.99 -0.64
C TYR A 126 12.73 -3.31 -0.26
N ASP A 127 13.25 -3.56 0.94
CA ASP A 127 14.47 -2.88 1.35
C ASP A 127 15.76 -3.41 0.73
N ARG A 128 15.66 -4.45 -0.10
CA ARG A 128 16.81 -5.03 -0.80
C ARG A 128 16.91 -4.44 -2.20
N ILE A 129 15.87 -3.76 -2.64
CA ILE A 129 15.89 -3.27 -4.00
C ILE A 129 16.92 -2.21 -4.36
N LEU A 130 17.02 -1.15 -3.57
CA LEU A 130 17.98 -0.10 -3.90
C LEU A 130 19.41 -0.63 -3.98
N PRO A 131 19.87 -1.39 -2.97
CA PRO A 131 21.24 -1.91 -3.06
C PRO A 131 21.43 -2.84 -4.26
N MET A 132 20.45 -3.68 -4.56
CA MET A 132 20.57 -4.59 -5.70
C MET A 132 20.75 -3.81 -7.01
N VAL A 133 20.02 -2.71 -7.19
CA VAL A 133 20.19 -1.94 -8.42
C VAL A 133 21.56 -1.26 -8.46
N ALA A 134 21.94 -0.64 -7.37
CA ALA A 134 23.22 0.07 -7.30
C ALA A 134 24.44 -0.82 -7.50
N GLN A 135 24.32 -2.06 -7.02
CA GLN A 135 25.41 -3.04 -7.10
C GLN A 135 25.40 -3.81 -8.42
N GLY A 136 24.41 -3.53 -9.26
CA GLY A 136 24.35 -4.19 -10.55
C GLY A 136 23.77 -5.59 -10.59
N GLU A 137 23.10 -6.02 -9.53
CA GLU A 137 22.47 -7.33 -9.50
C GLU A 137 21.24 -7.41 -10.41
N VAL A 138 20.64 -6.26 -10.70
CA VAL A 138 19.49 -6.14 -11.58
C VAL A 138 19.73 -4.81 -12.33
N GLU A 139 18.98 -4.59 -13.41
CA GLU A 139 19.12 -3.36 -14.19
C GLU A 139 18.17 -2.25 -13.74
N ALA A 140 17.12 -2.61 -13.00
CA ALA A 140 16.16 -1.60 -12.53
C ALA A 140 15.48 -2.15 -11.27
N GLY A 141 14.79 -1.26 -10.55
CA GLY A 141 14.10 -1.70 -9.37
C GLY A 141 12.78 -0.96 -9.23
N LEU A 142 11.75 -1.69 -8.79
CA LEU A 142 10.40 -1.14 -8.58
C LEU A 142 10.37 -0.88 -7.08
N ILE A 143 10.32 0.40 -6.70
CA ILE A 143 10.40 0.75 -5.29
C ILE A 143 9.15 1.36 -4.70
N ILE A 144 8.95 1.09 -3.41
CA ILE A 144 7.79 1.53 -2.65
C ILE A 144 8.24 2.06 -1.29
N HIS A 145 7.28 2.41 -0.45
CA HIS A 145 7.59 2.93 0.87
C HIS A 145 8.55 4.10 0.84
N GLU A 146 9.46 4.12 1.81
CA GLU A 146 10.39 5.24 1.93
C GLU A 146 11.51 5.30 0.91
N SER A 147 11.63 4.29 0.07
CA SER A 147 12.67 4.27 -0.96
C SER A 147 12.53 5.43 -1.93
N ARG A 148 11.31 5.94 -2.09
CA ARG A 148 11.12 7.05 -3.01
C ARG A 148 11.88 8.31 -2.55
N PHE A 149 12.23 8.38 -1.27
CA PHE A 149 12.96 9.55 -0.76
C PHE A 149 14.46 9.34 -0.70
N THR A 150 14.89 8.09 -0.66
CA THR A 150 16.30 7.81 -0.50
C THR A 150 17.06 7.32 -1.72
N TYR A 151 16.35 6.96 -2.79
CA TYR A 151 17.07 6.41 -3.93
C TYR A 151 18.23 7.24 -4.50
N PRO A 152 18.16 8.59 -4.44
CA PRO A 152 19.31 9.33 -4.99
C PRO A 152 20.60 9.03 -4.21
N ARG A 153 20.45 8.65 -2.94
CA ARG A 153 21.64 8.32 -2.11
C ARG A 153 22.42 7.15 -2.70
N TYR A 154 21.75 6.31 -3.49
CA TYR A 154 22.35 5.16 -4.13
C TYR A 154 22.82 5.48 -5.55
N GLY A 155 22.72 6.77 -5.92
CA GLY A 155 23.11 7.28 -7.22
C GLY A 155 22.14 7.02 -8.38
N LEU A 156 20.94 6.59 -7.99
CA LEU A 156 19.94 6.18 -8.96
C LEU A 156 19.05 7.29 -9.53
N VAL A 157 18.43 6.98 -10.66
CA VAL A 157 17.51 7.89 -11.31
C VAL A 157 16.18 7.22 -11.56
N GLN A 158 15.17 8.06 -11.63
CA GLN A 158 13.83 7.58 -11.89
C GLN A 158 13.65 7.28 -13.38
N VAL A 159 13.21 6.05 -13.67
CA VAL A 159 12.89 5.59 -15.02
C VAL A 159 11.44 6.02 -15.32
N VAL A 160 10.56 5.81 -14.35
CA VAL A 160 9.15 6.23 -14.48
C VAL A 160 8.52 6.28 -13.10
N ASP A 161 7.57 7.22 -12.94
CA ASP A 161 6.81 7.35 -11.70
C ASP A 161 5.50 6.71 -12.17
N LEU A 162 5.20 5.51 -11.69
CA LEU A 162 4.00 4.81 -12.14
C LEU A 162 2.70 5.48 -11.66
N GLY A 163 2.78 6.30 -10.61
CA GLY A 163 1.59 6.97 -10.14
C GLY A 163 1.27 8.05 -11.17
N ALA A 164 2.30 8.74 -11.63
CA ALA A 164 2.10 9.80 -12.62
C ALA A 164 1.64 9.16 -13.92
N TRP A 165 2.21 8.00 -14.23
CA TRP A 165 1.86 7.28 -15.45
C TRP A 165 0.39 6.95 -15.39
N TRP A 166 -0.05 6.42 -14.24
CA TRP A 166 -1.44 6.07 -14.05
C TRP A 166 -2.35 7.27 -14.19
N GLU A 167 -1.93 8.40 -13.62
CA GLU A 167 -2.76 9.61 -13.69
C GLU A 167 -2.92 10.05 -15.15
N GLU A 168 -1.83 10.02 -15.90
CA GLU A 168 -1.91 10.42 -17.30
C GLU A 168 -2.85 9.49 -18.10
N ARG A 169 -2.81 8.20 -17.78
CA ARG A 169 -3.60 7.18 -18.45
C ARG A 169 -5.07 7.17 -18.09
N THR A 170 -5.38 7.50 -16.84
CA THR A 170 -6.76 7.41 -16.34
C THR A 170 -7.39 8.69 -15.82
N GLY A 171 -6.58 9.69 -15.52
CA GLY A 171 -7.10 10.93 -14.96
C GLY A 171 -7.54 10.72 -13.52
N LEU A 172 -7.15 9.60 -12.93
CA LEU A 172 -7.52 9.25 -11.57
C LEU A 172 -6.34 8.99 -10.61
N PRO A 173 -6.60 9.08 -9.30
CA PRO A 173 -5.55 8.82 -8.31
C PRO A 173 -5.29 7.32 -8.37
N LEU A 174 -4.16 6.89 -7.82
CA LEU A 174 -3.80 5.49 -7.84
C LEU A 174 -4.10 4.83 -6.52
N PRO A 175 -4.93 3.77 -6.53
CA PRO A 175 -5.24 3.05 -5.30
C PRO A 175 -4.05 2.12 -5.04
N LEU A 176 -3.41 2.23 -3.89
CA LEU A 176 -2.28 1.39 -3.59
C LEU A 176 -2.60 0.35 -2.54
N GLY A 177 -3.04 0.82 -1.37
CA GLY A 177 -3.36 -0.09 -0.28
C GLY A 177 -4.69 0.21 0.35
N ALA A 178 -5.35 -0.84 0.84
CA ALA A 178 -6.66 -0.70 1.49
C ALA A 178 -6.61 -1.41 2.83
N ILE A 179 -7.60 -1.13 3.70
CA ILE A 179 -7.74 -1.85 4.96
C ILE A 179 -8.98 -2.73 4.74
N LEU A 180 -8.81 -4.04 4.86
CA LEU A 180 -9.93 -4.96 4.64
C LEU A 180 -10.40 -5.65 5.91
N ALA A 181 -11.71 -5.90 5.97
CA ALA A 181 -12.31 -6.61 7.10
C ALA A 181 -12.87 -7.91 6.53
N ARG A 182 -12.64 -9.02 7.23
CA ARG A 182 -13.13 -10.31 6.78
C ARG A 182 -14.66 -10.31 6.94
N ARG A 183 -15.36 -10.66 5.86
CA ARG A 183 -16.80 -10.63 5.85
C ARG A 183 -17.52 -11.38 6.97
N ASP A 184 -16.91 -12.46 7.47
CA ASP A 184 -17.54 -13.23 8.55
C ASP A 184 -17.60 -12.52 9.90
N LEU A 185 -17.11 -11.29 9.98
CA LEU A 185 -17.16 -10.53 11.23
C LEU A 185 -18.56 -9.94 11.44
N GLY A 186 -19.32 -9.83 10.37
CA GLY A 186 -20.65 -9.26 10.49
C GLY A 186 -20.71 -7.81 10.08
N GLU A 187 -21.77 -7.42 9.39
CA GLU A 187 -21.94 -6.07 8.91
C GLU A 187 -21.79 -4.94 9.92
N GLY A 188 -22.49 -5.06 11.06
CA GLY A 188 -22.42 -4.03 12.07
C GLY A 188 -21.03 -3.81 12.64
N LEU A 189 -20.33 -4.88 12.95
CA LEU A 189 -19.00 -4.77 13.51
C LEU A 189 -18.06 -4.18 12.45
N ILE A 190 -18.28 -4.53 11.19
CA ILE A 190 -17.40 -4.00 10.13
C ILE A 190 -17.63 -2.50 9.98
N ARG A 191 -18.88 -2.06 10.03
CA ARG A 191 -19.16 -0.62 9.92
C ARG A 191 -18.55 0.09 11.13
N ALA A 192 -18.66 -0.52 12.30
CA ALA A 192 -18.07 0.07 13.50
C ALA A 192 -16.55 0.16 13.36
N LEU A 193 -15.92 -0.87 12.78
CA LEU A 193 -14.47 -0.86 12.60
C LEU A 193 -14.05 0.22 11.60
N ASP A 194 -14.86 0.44 10.58
CA ASP A 194 -14.57 1.48 9.58
C ASP A 194 -14.57 2.81 10.32
N GLU A 195 -15.58 3.07 11.15
CA GLU A 195 -15.59 4.35 11.87
C GLU A 195 -14.41 4.45 12.83
N ALA A 196 -14.01 3.33 13.41
CA ALA A 196 -12.90 3.33 14.36
C ALA A 196 -11.60 3.69 13.63
N VAL A 197 -11.38 3.09 12.48
CA VAL A 197 -10.17 3.39 11.70
C VAL A 197 -10.17 4.84 11.24
N ARG A 198 -11.32 5.37 10.84
CA ARG A 198 -11.37 6.78 10.42
C ARG A 198 -10.99 7.65 11.61
N ARG A 199 -11.51 7.32 12.79
CA ARG A 199 -11.18 8.11 13.98
C ARG A 199 -9.69 8.09 14.29
N SER A 200 -9.07 6.94 14.07
CA SER A 200 -7.63 6.77 14.34
C SER A 200 -6.84 7.65 13.37
N VAL A 201 -7.25 7.67 12.10
CA VAL A 201 -6.56 8.52 11.11
C VAL A 201 -6.71 9.99 11.52
N ALA A 202 -7.94 10.37 11.85
CA ALA A 202 -8.20 11.74 12.24
C ALA A 202 -7.41 12.12 13.50
N TYR A 203 -7.26 11.18 14.45
CA TYR A 203 -6.53 11.47 15.68
C TYR A 203 -5.07 11.77 15.37
N ALA A 204 -4.43 10.91 14.57
CA ALA A 204 -3.05 11.13 14.20
C ALA A 204 -2.90 12.43 13.41
N LEU A 205 -3.86 12.74 12.53
CA LEU A 205 -3.76 14.01 11.78
C LEU A 205 -3.77 15.22 12.72
N ALA A 206 -4.51 15.11 13.82
CA ALA A 206 -4.64 16.19 14.80
C ALA A 206 -3.52 16.22 15.84
N HIS A 207 -2.88 15.08 16.10
CA HIS A 207 -1.78 15.01 17.10
C HIS A 207 -0.66 14.17 16.52
N PRO A 208 -0.12 14.58 15.37
CA PRO A 208 0.95 13.79 14.75
C PRO A 208 2.15 13.42 15.62
N GLU A 209 2.63 14.37 16.41
CA GLU A 209 3.79 14.12 17.27
C GLU A 209 3.54 12.98 18.25
N GLU A 210 2.29 12.72 18.63
CA GLU A 210 2.01 11.63 19.56
C GLU A 210 2.31 10.25 18.99
N ALA A 211 2.27 10.12 17.67
CA ALA A 211 2.55 8.85 17.01
C ALA A 211 4.04 8.65 16.74
N LEU A 212 4.85 9.68 16.97
CA LEU A 212 6.26 9.59 16.63
C LEU A 212 7.05 8.46 17.29
N ASP A 213 6.89 8.28 18.60
CA ASP A 213 7.64 7.20 19.27
C ASP A 213 7.30 5.83 18.66
N TYR A 214 6.02 5.63 18.37
CA TYR A 214 5.55 4.38 17.79
C TYR A 214 6.10 4.20 16.37
N MET A 215 6.09 5.26 15.56
CA MET A 215 6.63 5.15 14.21
C MET A 215 8.12 4.78 14.27
N ARG A 216 8.88 5.49 15.10
CA ARG A 216 10.31 5.22 15.24
C ARG A 216 10.57 3.79 15.68
N ALA A 217 9.80 3.32 16.66
CA ALA A 217 9.98 1.98 17.18
C ALA A 217 9.93 0.91 16.11
N HIS A 218 9.17 1.16 15.06
CA HIS A 218 9.02 0.19 13.99
C HIS A 218 9.75 0.49 12.71
N ALA A 219 10.48 1.60 12.70
CA ALA A 219 11.26 2.00 11.54
C ALA A 219 12.54 2.62 12.11
N GLN A 220 13.21 1.83 12.94
CA GLN A 220 14.41 2.26 13.64
C GLN A 220 15.61 2.70 12.81
N GLU A 221 15.66 2.32 11.54
CA GLU A 221 16.79 2.71 10.72
C GLU A 221 16.49 4.01 9.96
N LEU A 222 15.27 4.53 10.10
CA LEU A 222 14.91 5.77 9.40
C LEU A 222 15.10 6.99 10.25
N SER A 223 15.53 8.07 9.62
CA SER A 223 15.73 9.34 10.30
C SER A 223 14.34 9.98 10.47
N ASP A 224 14.19 10.84 11.46
CA ASP A 224 12.91 11.53 11.65
C ASP A 224 12.51 12.29 10.39
N GLU A 225 13.50 12.80 9.64
CA GLU A 225 13.21 13.56 8.43
C GLU A 225 12.50 12.67 7.43
N VAL A 226 12.97 11.43 7.31
CA VAL A 226 12.37 10.50 6.38
C VAL A 226 11.01 10.06 6.91
N ILE A 227 10.88 9.89 8.22
CA ILE A 227 9.59 9.50 8.80
C ILE A 227 8.54 10.57 8.53
N TRP A 228 8.86 11.84 8.79
CA TRP A 228 7.88 12.90 8.55
C TRP A 228 7.57 13.08 7.07
N ALA A 229 8.56 12.85 6.21
CA ALA A 229 8.33 12.96 4.78
C ALA A 229 7.42 11.83 4.31
N HIS A 230 7.62 10.65 4.90
CA HIS A 230 6.84 9.46 4.53
C HIS A 230 5.36 9.66 4.88
N VAL A 231 5.06 10.08 6.11
CA VAL A 231 3.64 10.26 6.44
C VAL A 231 3.05 11.41 5.64
N HIS A 232 3.84 12.45 5.40
CA HIS A 232 3.30 13.57 4.64
C HIS A 232 2.92 13.15 3.23
N THR A 233 3.74 12.28 2.64
CA THR A 233 3.49 11.83 1.29
C THR A 233 2.36 10.83 1.14
N TYR A 234 2.31 9.85 2.04
CA TYR A 234 1.34 8.77 1.95
C TYR A 234 0.01 8.90 2.66
N VAL A 235 -0.10 9.81 3.62
CA VAL A 235 -1.35 10.00 4.35
C VAL A 235 -1.99 11.26 3.81
N ASN A 236 -3.22 11.15 3.33
CA ASN A 236 -3.89 12.28 2.72
C ASN A 236 -5.41 12.14 2.85
N ALA A 237 -6.18 12.94 2.10
CA ALA A 237 -7.64 12.89 2.24
C ALA A 237 -8.19 11.48 2.06
N PHE A 238 -7.58 10.76 1.13
CA PHE A 238 -8.05 9.40 0.84
C PHE A 238 -7.90 8.46 2.02
N SER A 239 -6.97 8.76 2.92
CA SER A 239 -6.76 7.95 4.11
C SER A 239 -7.97 8.08 5.07
N LEU A 240 -8.65 9.22 5.01
CA LEU A 240 -9.84 9.39 5.86
C LEU A 240 -11.06 8.75 5.20
N ASP A 241 -11.21 8.92 3.88
CA ASP A 241 -12.32 8.34 3.14
C ASP A 241 -11.93 8.21 1.68
N VAL A 242 -12.18 7.05 1.08
CA VAL A 242 -11.85 6.91 -0.31
C VAL A 242 -12.52 7.96 -1.16
N GLY A 243 -13.74 8.38 -0.79
CA GLY A 243 -14.39 9.42 -1.58
C GLY A 243 -14.94 8.93 -2.91
N GLU A 244 -15.69 9.78 -3.59
CA GLU A 244 -16.25 9.38 -4.86
C GLU A 244 -15.14 9.20 -5.91
N GLU A 245 -14.08 9.99 -5.83
CA GLU A 245 -13.00 9.84 -6.82
C GLU A 245 -12.18 8.59 -6.53
N GLY A 246 -11.95 8.31 -5.25
CA GLY A 246 -11.22 7.09 -4.90
C GLY A 246 -12.01 5.86 -5.33
N GLU A 247 -13.33 5.89 -5.17
CA GLU A 247 -14.14 4.75 -5.59
C GLU A 247 -14.01 4.55 -7.10
N ARG A 248 -14.01 5.64 -7.85
CA ARG A 248 -13.88 5.54 -9.31
C ARG A 248 -12.49 4.98 -9.67
N ALA A 249 -11.49 5.40 -8.90
CA ALA A 249 -10.12 4.93 -9.12
C ALA A 249 -10.00 3.44 -8.88
N VAL A 250 -10.58 2.94 -7.78
CA VAL A 250 -10.52 1.52 -7.51
C VAL A 250 -11.28 0.74 -8.60
N ALA A 251 -12.39 1.30 -9.07
CA ALA A 251 -13.16 0.62 -10.10
C ALA A 251 -12.32 0.48 -11.38
N ARG A 252 -11.63 1.56 -11.73
CA ARG A 252 -10.76 1.56 -12.92
C ARG A 252 -9.60 0.57 -12.73
N LEU A 253 -9.00 0.54 -11.54
CA LEU A 253 -7.91 -0.41 -11.31
C LEU A 253 -8.41 -1.86 -11.47
N PHE A 254 -9.60 -2.14 -10.96
CA PHE A 254 -10.12 -3.48 -11.05
C PHE A 254 -10.58 -3.80 -12.46
N ALA A 255 -11.05 -2.78 -13.18
CA ALA A 255 -11.47 -2.99 -14.56
C ALA A 255 -10.24 -3.38 -15.36
N GLU A 256 -9.11 -2.71 -15.09
CA GLU A 256 -7.88 -3.05 -15.81
C GLU A 256 -7.44 -4.47 -15.45
N ALA A 257 -7.64 -4.88 -14.20
CA ALA A 257 -7.24 -6.21 -13.79
C ALA A 257 -8.15 -7.23 -14.49
N GLU A 258 -9.44 -6.94 -14.52
CA GLU A 258 -10.39 -7.88 -15.15
C GLU A 258 -10.09 -8.03 -16.65
N ALA A 259 -9.68 -6.94 -17.29
CA ALA A 259 -9.36 -6.99 -18.72
C ALA A 259 -8.19 -7.92 -19.03
N ARG A 260 -7.39 -8.23 -18.01
CA ARG A 260 -6.25 -9.11 -18.20
C ARG A 260 -6.42 -10.45 -17.50
N GLY A 261 -7.66 -10.75 -17.11
CA GLY A 261 -7.95 -12.01 -16.44
C GLY A 261 -7.21 -12.18 -15.14
N LEU A 262 -6.80 -11.07 -14.55
CA LEU A 262 -6.07 -11.15 -13.32
C LEU A 262 -7.00 -11.29 -12.12
N ALA A 263 -8.22 -10.79 -12.27
CA ALA A 263 -9.22 -10.89 -11.21
C ALA A 263 -10.58 -11.27 -11.76
N ALA A 264 -11.35 -11.99 -10.96
CA ALA A 264 -12.68 -12.41 -11.38
C ALA A 264 -13.70 -11.33 -11.03
N PRO A 265 -14.59 -10.98 -11.97
CA PRO A 265 -15.59 -9.95 -11.70
C PRO A 265 -16.54 -10.36 -10.56
N SER A 266 -17.12 -9.37 -9.89
CA SER A 266 -18.03 -9.64 -8.79
C SER A 266 -19.04 -8.51 -8.66
N PRO A 267 -20.28 -8.85 -8.30
CA PRO A 267 -21.31 -7.81 -8.15
C PRO A 267 -21.26 -7.19 -6.74
N ARG A 268 -20.54 -7.84 -5.83
CA ARG A 268 -20.41 -7.34 -4.47
C ARG A 268 -19.86 -5.91 -4.44
N PRO A 269 -20.43 -5.04 -3.59
CA PRO A 269 -19.92 -3.67 -3.55
C PRO A 269 -18.46 -3.72 -3.08
N LEU A 270 -17.66 -2.77 -3.56
CA LEU A 270 -16.25 -2.69 -3.19
C LEU A 270 -16.03 -2.23 -1.76
N PHE A 271 -16.89 -1.35 -1.28
CA PHE A 271 -16.73 -0.82 0.08
C PHE A 271 -17.87 -1.09 1.05
N VAL A 272 -17.52 -1.05 2.33
CA VAL A 272 -18.45 -1.22 3.45
C VAL A 272 -19.56 -0.17 3.30
#